data_4YHK
#
_entry.id   4YHK
#
_cell.length_a   48.201
_cell.length_b   59.739
_cell.length_c   127.689
_cell.angle_alpha   90.00
_cell.angle_beta   90.00
_cell.angle_gamma   90.00
#
_symmetry.space_group_name_H-M   'P 21 21 21'
#
loop_
_entity.id
_entity.type
_entity.pdbx_description
1 polymer 'aDabi-Fab2a heavy chain'
2 polymer 'aDabi-Fab2a light chain'
3 non-polymer N-[(2-{[(4-carbamimidoylphenyl)amino]methyl}-1-methyl-1H-benzimidazol-5-yl)carbonyl]-N-pyridin-2-yl-beta-alanine
4 non-polymer GLYCEROL
5 water water
#
loop_
_entity_poly.entity_id
_entity_poly.type
_entity_poly.pdbx_seq_one_letter_code
_entity_poly.pdbx_strand_id
1 'polypeptide(L)'
;QVQLVQSGAEVKKPGASVKVSCKASGYTFTDYYMHWVRQAPGQGLEWMGETNPRNGGTTYNEKFKGKATMTRDTSTSTAY
MELSSLRSEDTAVYYCTIGTSGYDYFDYWGQGTLVTVSSASTKGPSVFPLAPSSKSTSGGTAALGCLVKDYFPEPVTVSW
NSGALTSGVHTFPAVLQSSGLYSLSSVVTVPSSSLGTQTYICNVNHKPSNTKVDKKVEPKSC
;
H
2 'polypeptide(L)'
;DIVMTQTPLSLSVTPGQPASISCRSSQSIVHSDGNIYLEWYLQKPGQSPKLLIYKVSYRFSGVPDRFSGSGSGTDFTLKI
SRVEAEDVGVYYCFQASHVPYTFGQGTKLEIKRTVAAPSVFIFPPSDEQLKSGTASVVCLLNNFYPREAKVQWKVDNALQ
SGNSQESVTEQDSKDSTYSLSSTLTLSKADYEKHKVYACEVTHQGLSSPVTKSFNRGEC
;
L
#
loop_
_chem_comp.id
_chem_comp.type
_chem_comp.name
_chem_comp.formula
4CC non-polymer N-[(2-{[(4-carbamimidoylphenyl)amino]methyl}-1-methyl-1H-benzimidazol-5-yl)carbonyl]-N-pyridin-2-yl-beta-alanine 'C25 H25 N7 O3'
GOL non-polymer GLYCEROL 'C3 H8 O3'
#
# COMPACT_ATOMS: atom_id res chain seq x y z
N GLN A 1 21.14 4.94 -8.25
CA GLN A 1 21.11 5.08 -9.71
C GLN A 1 20.56 3.91 -10.48
N VAL A 2 20.64 2.71 -9.89
CA VAL A 2 20.06 1.48 -10.42
C VAL A 2 18.53 1.62 -10.32
N GLN A 3 17.84 1.46 -11.45
CA GLN A 3 16.39 1.51 -11.44
C GLN A 3 15.78 0.40 -12.27
N LEU A 4 14.73 -0.21 -11.73
CA LEU A 4 13.98 -1.29 -12.37
C LEU A 4 12.61 -0.71 -12.64
N VAL A 5 12.36 -0.43 -13.92
CA VAL A 5 11.17 0.26 -14.39
C VAL A 5 10.11 -0.75 -14.86
N GLN A 6 9.02 -0.85 -14.08
CA GLN A 6 7.94 -1.79 -14.33
C GLN A 6 6.66 -1.20 -14.87
N SER A 7 5.92 -2.04 -15.62
CA SER A 7 4.63 -1.82 -16.31
C SER A 7 3.56 -1.10 -15.49
N GLY A 8 3.59 -1.23 -14.15
CA GLY A 8 2.67 -0.60 -13.22
C GLY A 8 1.38 -1.35 -12.92
N ALA A 9 0.59 -1.61 -13.99
CA ALA A 9 -0.68 -2.35 -13.90
C ALA A 9 -1.07 -2.92 -15.25
N GLU A 10 -1.81 -4.05 -15.24
CA GLU A 10 -2.31 -4.77 -16.42
C GLU A 10 -3.65 -5.43 -16.11
N VAL A 11 -4.63 -5.29 -17.02
CA VAL A 11 -5.98 -5.86 -16.91
C VAL A 11 -6.15 -6.82 -18.07
N LYS A 12 -6.57 -8.04 -17.76
CA LYS A 12 -6.73 -9.07 -18.77
C LYS A 12 -7.88 -9.98 -18.47
N LYS A 13 -8.56 -10.42 -19.53
CA LYS A 13 -9.68 -11.35 -19.45
C LYS A 13 -9.14 -12.74 -19.08
N PRO A 14 -9.94 -13.62 -18.42
CA PRO A 14 -9.44 -14.98 -18.16
C PRO A 14 -9.19 -15.73 -19.48
N GLY A 15 -8.11 -16.49 -19.52
CA GLY A 15 -7.72 -17.23 -20.72
C GLY A 15 -6.76 -16.45 -21.60
N ALA A 16 -6.69 -15.14 -21.38
CA ALA A 16 -5.77 -14.29 -22.15
C ALA A 16 -4.34 -14.43 -21.57
N SER A 17 -3.36 -13.80 -22.24
CA SER A 17 -1.96 -13.79 -21.82
C SER A 17 -1.51 -12.36 -21.49
N VAL A 18 -0.61 -12.21 -20.53
CA VAL A 18 -0.03 -10.92 -20.13
C VAL A 18 1.51 -11.01 -20.16
N LYS A 19 2.18 -9.99 -20.71
CA LYS A 19 3.65 -9.96 -20.73
C LYS A 19 4.04 -8.77 -19.86
N VAL A 20 4.61 -9.06 -18.68
CA VAL A 20 5.02 -8.05 -17.70
C VAL A 20 6.47 -7.61 -18.00
N SER A 21 6.69 -6.31 -18.23
CA SER A 21 8.05 -5.82 -18.52
C SER A 21 8.76 -5.24 -17.31
N CYS A 22 10.09 -5.35 -17.31
CA CYS A 22 10.98 -4.79 -16.29
C CYS A 22 12.20 -4.19 -16.99
N LYS A 23 12.16 -2.87 -17.22
CA LYS A 23 13.22 -2.13 -17.91
C LYS A 23 14.35 -1.77 -16.96
N ALA A 24 15.55 -2.25 -17.27
CA ALA A 24 16.73 -1.96 -16.43
C ALA A 24 17.42 -0.66 -16.83
N SER A 25 17.73 0.17 -15.84
CA SER A 25 18.49 1.41 -16.06
C SER A 25 19.49 1.61 -14.92
N GLY A 26 20.56 2.34 -15.20
CA GLY A 26 21.60 2.68 -14.22
C GLY A 26 22.63 1.61 -13.95
N TYR A 27 22.64 0.54 -14.78
CA TYR A 27 23.61 -0.57 -14.71
C TYR A 27 23.65 -1.35 -16.03
N THR A 28 24.71 -2.15 -16.24
CA THR A 28 24.83 -2.98 -17.44
C THR A 28 23.92 -4.23 -17.19
N PHE A 29 22.81 -4.29 -17.95
CA PHE A 29 21.77 -5.33 -17.93
C PHE A 29 22.30 -6.77 -17.75
N THR A 30 23.39 -7.11 -18.47
CA THR A 30 24.02 -8.43 -18.44
C THR A 30 24.85 -8.76 -17.19
N ASP A 31 25.00 -7.80 -16.26
CA ASP A 31 25.77 -8.05 -15.04
C ASP A 31 25.05 -8.88 -13.96
N TYR A 32 23.72 -8.79 -13.91
CA TYR A 32 22.93 -9.41 -12.83
C TYR A 32 21.74 -10.23 -13.30
N TYR A 33 21.43 -11.33 -12.58
CA TYR A 33 20.27 -12.18 -12.84
C TYR A 33 19.02 -11.38 -12.53
N MET A 34 17.97 -11.57 -13.32
CA MET A 34 16.70 -10.91 -13.07
C MET A 34 15.80 -11.92 -12.40
N HIS A 35 15.12 -11.50 -11.32
CA HIS A 35 14.19 -12.38 -10.61
C HIS A 35 12.79 -11.86 -10.72
N TRP A 36 11.83 -12.78 -10.67
CA TRP A 36 10.42 -12.45 -10.66
C TRP A 36 9.83 -13.00 -9.36
N VAL A 37 9.04 -12.16 -8.68
CA VAL A 37 8.40 -12.48 -7.41
C VAL A 37 6.92 -12.11 -7.47
N ARG A 38 6.08 -13.06 -7.09
CA ARG A 38 4.64 -12.86 -7.01
C ARG A 38 4.23 -12.54 -5.57
N GLN A 39 3.31 -11.58 -5.40
CA GLN A 39 2.73 -11.27 -4.10
C GLN A 39 1.24 -11.33 -4.36
N ALA A 40 0.61 -12.41 -3.90
CA ALA A 40 -0.81 -12.70 -4.11
C ALA A 40 -1.50 -12.91 -2.79
N PRO A 41 -2.80 -12.53 -2.67
CA PRO A 41 -3.52 -12.75 -1.41
C PRO A 41 -3.52 -14.24 -1.07
N GLY A 42 -3.30 -14.54 0.19
CA GLY A 42 -3.25 -15.92 0.65
C GLY A 42 -1.88 -16.55 0.51
N GLN A 43 -1.48 -16.85 -0.72
CA GLN A 43 -0.17 -17.44 -1.04
C GLN A 43 1.01 -16.57 -0.57
N GLY A 44 0.81 -15.25 -0.57
CA GLY A 44 1.83 -14.30 -0.14
C GLY A 44 2.94 -14.11 -1.14
N LEU A 45 4.18 -13.91 -0.63
CA LEU A 45 5.39 -13.69 -1.42
C LEU A 45 6.00 -14.99 -1.92
N GLU A 46 6.22 -15.09 -3.25
CA GLU A 46 6.75 -16.30 -3.87
C GLU A 46 7.74 -15.99 -4.96
N TRP A 47 8.94 -16.58 -4.86
CA TRP A 47 9.99 -16.44 -5.86
C TRP A 47 9.57 -17.33 -7.02
N MET A 48 9.50 -16.77 -8.22
CA MET A 48 9.04 -17.48 -9.41
C MET A 48 10.17 -18.09 -10.25
N GLY A 49 11.31 -17.41 -10.26
CA GLY A 49 12.46 -17.83 -11.05
C GLY A 49 13.51 -16.76 -11.24
N GLU A 50 14.69 -17.17 -11.71
CA GLU A 50 15.84 -16.32 -12.03
C GLU A 50 16.27 -16.54 -13.46
N THR A 51 16.45 -15.45 -14.22
CA THR A 51 16.86 -15.50 -15.62
C THR A 51 18.30 -15.04 -15.72
N ASN A 52 19.14 -15.91 -16.27
CA ASN A 52 20.56 -15.69 -16.53
C ASN A 52 20.65 -14.61 -17.61
N PRO A 53 21.28 -13.46 -17.30
CA PRO A 53 21.35 -12.37 -18.31
C PRO A 53 22.31 -12.68 -19.47
N ARG A 54 23.21 -13.66 -19.29
CA ARG A 54 24.18 -14.09 -20.30
C ARG A 54 23.58 -15.09 -21.30
N ASN A 55 23.29 -16.34 -20.86
CA ASN A 55 22.75 -17.37 -21.75
C ASN A 55 21.26 -17.23 -22.06
N GLY A 56 20.55 -16.43 -21.27
CA GLY A 56 19.13 -16.15 -21.43
C GLY A 56 18.22 -17.20 -20.84
N GLY A 57 18.81 -18.23 -20.22
CA GLY A 57 18.07 -19.32 -19.59
C GLY A 57 17.50 -18.90 -18.24
N THR A 58 16.37 -19.50 -17.84
CA THR A 58 15.72 -19.26 -16.56
C THR A 58 15.72 -20.55 -15.71
N THR A 59 16.01 -20.41 -14.40
CA THR A 59 15.91 -21.49 -13.42
C THR A 59 14.56 -21.18 -12.77
N TYR A 60 13.55 -22.03 -12.99
CA TYR A 60 12.21 -21.79 -12.45
C TYR A 60 11.93 -22.41 -11.10
N ASN A 61 10.96 -21.82 -10.41
CA ASN A 61 10.30 -22.39 -9.26
C ASN A 61 9.35 -23.32 -10.05
N GLU A 62 9.41 -24.65 -9.80
CA GLU A 62 8.60 -25.65 -10.51
C GLU A 62 7.11 -25.29 -10.64
N LYS A 63 6.53 -24.68 -9.59
CA LYS A 63 5.13 -24.23 -9.52
C LYS A 63 4.73 -23.25 -10.64
N PHE A 64 5.68 -22.41 -11.11
CA PHE A 64 5.40 -21.39 -12.13
C PHE A 64 5.88 -21.76 -13.53
N LYS A 65 6.64 -22.86 -13.65
CA LYS A 65 7.18 -23.38 -14.91
C LYS A 65 6.05 -23.70 -15.89
N GLY A 66 6.21 -23.27 -17.13
CA GLY A 66 5.20 -23.43 -18.17
C GLY A 66 4.20 -22.30 -18.15
N LYS A 67 3.55 -22.11 -16.97
CA LYS A 67 2.54 -21.08 -16.66
C LYS A 67 3.14 -19.69 -16.91
N ALA A 68 4.39 -19.50 -16.45
CA ALA A 68 5.16 -18.26 -16.62
C ALA A 68 6.36 -18.50 -17.53
N THR A 69 6.58 -17.61 -18.49
CA THR A 69 7.72 -17.69 -19.41
C THR A 69 8.57 -16.44 -19.17
N MET A 70 9.75 -16.62 -18.57
CA MET A 70 10.67 -15.53 -18.24
C MET A 70 11.79 -15.39 -19.25
N THR A 71 11.76 -14.28 -20.03
CA THR A 71 12.75 -13.95 -21.05
C THR A 71 13.52 -12.69 -20.69
N ARG A 72 14.60 -12.42 -21.44
CA ARG A 72 15.50 -11.29 -21.23
C ARG A 72 15.88 -10.72 -22.62
N ASP A 73 15.46 -9.47 -22.91
CA ASP A 73 15.72 -8.78 -24.18
C ASP A 73 16.93 -7.86 -24.05
N THR A 74 18.07 -8.24 -24.64
CA THR A 74 19.29 -7.44 -24.55
C THR A 74 19.30 -6.21 -25.47
N SER A 75 18.43 -6.16 -26.50
CA SER A 75 18.33 -5.00 -27.40
C SER A 75 17.64 -3.77 -26.75
N THR A 76 16.76 -3.99 -25.76
CA THR A 76 16.06 -2.93 -25.01
C THR A 76 16.37 -2.98 -23.49
N SER A 77 17.31 -3.85 -23.07
CA SER A 77 17.66 -4.05 -21.65
C SER A 77 16.39 -4.20 -20.78
N THR A 78 15.44 -5.02 -21.27
CA THR A 78 14.17 -5.27 -20.62
C THR A 78 14.03 -6.74 -20.41
N ALA A 79 13.57 -7.12 -19.23
CA ALA A 79 13.30 -8.51 -18.91
C ALA A 79 11.78 -8.67 -18.98
N TYR A 80 11.30 -9.85 -19.36
CA TYR A 80 9.86 -10.04 -19.47
C TYR A 80 9.39 -11.29 -18.78
N MET A 81 8.16 -11.24 -18.24
CA MET A 81 7.54 -12.42 -17.65
C MET A 81 6.17 -12.55 -18.27
N GLU A 82 5.95 -13.65 -18.98
CA GLU A 82 4.68 -13.87 -19.64
C GLU A 82 3.87 -14.93 -18.97
N LEU A 83 2.68 -14.58 -18.51
CA LEU A 83 1.75 -15.52 -17.91
C LEU A 83 0.71 -15.85 -18.94
N SER A 84 0.54 -17.13 -19.22
CA SER A 84 -0.41 -17.65 -20.20
C SER A 84 -1.71 -18.09 -19.52
N SER A 85 -2.82 -18.22 -20.30
CA SER A 85 -4.16 -18.63 -19.85
C SER A 85 -4.45 -18.17 -18.43
N LEU A 86 -4.60 -16.86 -18.32
CA LEU A 86 -4.85 -16.20 -17.04
C LEU A 86 -6.13 -16.66 -16.38
N ARG A 87 -6.06 -16.89 -15.07
CA ARG A 87 -7.19 -17.27 -14.21
C ARG A 87 -7.25 -16.27 -13.06
N SER A 88 -8.41 -16.14 -12.38
CA SER A 88 -8.57 -15.17 -11.29
C SER A 88 -7.54 -15.26 -10.18
N GLU A 89 -6.99 -16.46 -9.92
CA GLU A 89 -5.93 -16.74 -8.93
C GLU A 89 -4.60 -16.08 -9.30
N ASP A 90 -4.44 -15.70 -10.58
CA ASP A 90 -3.25 -15.01 -11.09
C ASP A 90 -3.23 -13.53 -10.74
N THR A 91 -4.35 -13.00 -10.21
CA THR A 91 -4.42 -11.59 -9.79
C THR A 91 -3.46 -11.40 -8.63
N ALA A 92 -2.41 -10.60 -8.86
CA ALA A 92 -1.35 -10.37 -7.88
C ALA A 92 -0.46 -9.22 -8.32
N VAL A 93 0.47 -8.85 -7.44
CA VAL A 93 1.49 -7.86 -7.75
C VAL A 93 2.71 -8.65 -8.20
N TYR A 94 3.29 -8.28 -9.36
CA TYR A 94 4.48 -8.96 -9.89
C TYR A 94 5.72 -8.05 -9.82
N TYR A 95 6.68 -8.45 -9.00
CA TYR A 95 7.91 -7.71 -8.82
C TYR A 95 9.08 -8.32 -9.58
N CYS A 96 9.92 -7.44 -10.16
CA CYS A 96 11.20 -7.86 -10.71
C CYS A 96 12.22 -7.37 -9.70
N THR A 97 13.23 -8.18 -9.44
CA THR A 97 14.27 -7.83 -8.47
C THR A 97 15.63 -8.33 -8.92
N ILE A 98 16.69 -7.64 -8.51
CA ILE A 98 18.06 -8.04 -8.81
C ILE A 98 18.89 -8.04 -7.52
N GLY A 99 19.98 -8.77 -7.57
CA GLY A 99 20.97 -8.85 -6.51
C GLY A 99 22.31 -8.43 -7.08
N THR A 100 23.01 -7.50 -6.42
CA THR A 100 24.28 -6.95 -6.91
C THR A 100 25.56 -7.56 -6.35
N SER A 101 25.45 -8.46 -5.35
CA SER A 101 26.59 -9.14 -4.73
C SER A 101 26.36 -10.66 -4.81
N GLY A 102 26.59 -11.22 -6.00
CA GLY A 102 26.40 -12.64 -6.30
C GLY A 102 24.99 -13.11 -5.98
N TYR A 103 24.86 -14.19 -5.23
CA TYR A 103 23.55 -14.69 -4.80
C TYR A 103 23.26 -14.45 -3.30
N ASP A 104 23.76 -13.32 -2.77
CA ASP A 104 23.60 -12.96 -1.36
C ASP A 104 22.26 -12.34 -0.97
N TYR A 105 21.73 -11.44 -1.82
CA TYR A 105 20.51 -10.71 -1.44
C TYR A 105 19.82 -10.03 -2.62
N PHE A 106 18.58 -9.53 -2.38
CA PHE A 106 17.78 -8.74 -3.35
C PHE A 106 17.76 -7.30 -2.84
N ASP A 107 18.72 -6.49 -3.31
CA ASP A 107 18.84 -5.10 -2.89
C ASP A 107 18.02 -4.11 -3.77
N TYR A 108 17.69 -4.47 -5.02
CA TYR A 108 16.93 -3.59 -5.92
C TYR A 108 15.65 -4.25 -6.42
N TRP A 109 14.52 -3.56 -6.25
CA TRP A 109 13.21 -4.04 -6.64
C TRP A 109 12.50 -3.02 -7.54
N GLY A 110 11.65 -3.53 -8.41
CA GLY A 110 10.78 -2.68 -9.21
C GLY A 110 9.63 -2.25 -8.31
N GLN A 111 8.75 -1.39 -8.81
CA GLN A 111 7.60 -0.92 -8.03
C GLN A 111 6.47 -2.01 -7.95
N GLY A 112 6.54 -2.99 -8.86
CA GLY A 112 5.53 -4.03 -8.96
C GLY A 112 4.47 -3.72 -10.00
N THR A 113 3.99 -4.75 -10.67
CA THR A 113 2.91 -4.59 -11.64
C THR A 113 1.72 -5.36 -11.08
N LEU A 114 0.60 -4.66 -10.88
CA LEU A 114 -0.63 -5.29 -10.38
C LEU A 114 -1.37 -5.78 -11.60
N VAL A 115 -1.39 -7.10 -11.76
CA VAL A 115 -2.07 -7.77 -12.85
C VAL A 115 -3.42 -8.20 -12.33
N THR A 116 -4.50 -7.68 -12.95
CA THR A 116 -5.86 -8.08 -12.58
C THR A 116 -6.42 -8.94 -13.68
N VAL A 117 -6.91 -10.12 -13.31
CA VAL A 117 -7.55 -11.02 -14.25
C VAL A 117 -9.07 -10.82 -14.08
N SER A 118 -9.72 -10.16 -15.06
CA SER A 118 -11.14 -9.83 -15.02
C SER A 118 -11.74 -9.68 -16.40
N SER A 119 -13.01 -10.04 -16.55
CA SER A 119 -13.79 -9.92 -17.78
C SER A 119 -14.28 -8.46 -17.94
N ALA A 120 -14.45 -7.74 -16.81
CA ALA A 120 -14.94 -6.36 -16.72
C ALA A 120 -13.97 -5.37 -17.40
N SER A 121 -14.53 -4.34 -18.05
CA SER A 121 -13.76 -3.33 -18.75
C SER A 121 -13.07 -2.38 -17.80
N THR A 122 -11.93 -1.81 -18.23
CA THR A 122 -11.21 -0.82 -17.44
C THR A 122 -12.03 0.51 -17.40
N LYS A 123 -12.15 1.10 -16.21
CA LYS A 123 -12.91 2.32 -15.98
C LYS A 123 -12.09 3.32 -15.17
N GLY A 124 -11.86 4.50 -15.75
CA GLY A 124 -11.14 5.61 -15.13
C GLY A 124 -11.97 6.26 -14.01
N PRO A 125 -11.32 6.92 -13.06
CA PRO A 125 -12.09 7.50 -11.93
C PRO A 125 -12.63 8.89 -12.12
N SER A 126 -13.51 9.27 -11.19
CA SER A 126 -13.99 10.64 -11.00
C SER A 126 -13.03 11.15 -9.91
N VAL A 127 -12.66 12.43 -9.96
CA VAL A 127 -11.77 13.02 -8.94
C VAL A 127 -12.47 14.27 -8.41
N PHE A 128 -13.03 14.17 -7.20
CA PHE A 128 -13.75 15.30 -6.59
C PHE A 128 -12.95 15.92 -5.47
N PRO A 129 -12.85 17.27 -5.43
CA PRO A 129 -12.11 17.91 -4.34
C PRO A 129 -12.84 17.86 -3.01
N LEU A 130 -12.07 17.72 -1.93
CA LEU A 130 -12.59 17.75 -0.58
C LEU A 130 -12.01 19.04 -0.05
N ALA A 131 -12.71 20.15 -0.40
CA ALA A 131 -12.32 21.53 -0.11
C ALA A 131 -12.21 21.89 1.37
N PRO A 132 -11.16 22.61 1.80
CA PRO A 132 -11.12 23.03 3.20
C PRO A 132 -12.18 24.13 3.42
N SER A 133 -12.77 24.14 4.61
CA SER A 133 -13.81 25.09 4.99
C SER A 133 -13.82 25.18 6.51
N SER A 134 -14.76 25.98 7.09
CA SER A 134 -14.94 26.11 8.55
C SER A 134 -15.21 24.74 9.21
N LYS A 135 -15.73 23.80 8.41
CA LYS A 135 -16.10 22.43 8.81
C LYS A 135 -14.92 21.44 8.79
N SER A 136 -13.77 21.85 8.27
CA SER A 136 -12.58 20.99 8.25
C SER A 136 -11.32 21.66 8.83
N THR A 137 -11.46 22.28 10.04
CA THR A 137 -10.38 22.94 10.79
C THR A 137 -10.16 22.34 12.20
N SER A 138 -8.89 22.20 12.63
CA SER A 138 -8.57 21.67 13.95
C SER A 138 -7.40 22.37 14.60
N GLY A 139 -7.68 23.49 15.27
CA GLY A 139 -6.69 24.29 16.00
C GLY A 139 -5.48 24.71 15.20
N GLY A 140 -5.72 25.54 14.19
CA GLY A 140 -4.69 26.09 13.33
C GLY A 140 -4.41 25.27 12.09
N THR A 141 -4.97 24.06 12.06
CA THR A 141 -4.81 23.07 11.01
C THR A 141 -6.06 23.01 10.14
N ALA A 142 -5.88 22.78 8.84
CA ALA A 142 -6.98 22.63 7.88
C ALA A 142 -6.78 21.32 7.15
N ALA A 143 -7.83 20.52 7.05
CA ALA A 143 -7.74 19.29 6.31
C ALA A 143 -8.38 19.52 4.96
N LEU A 144 -7.80 18.95 3.92
CA LEU A 144 -8.34 19.00 2.57
C LEU A 144 -8.03 17.68 1.91
N GLY A 145 -8.59 17.44 0.74
CA GLY A 145 -8.35 16.18 0.06
C GLY A 145 -8.99 16.02 -1.29
N CYS A 146 -8.91 14.79 -1.79
CA CYS A 146 -9.50 14.35 -3.05
C CYS A 146 -10.17 13.03 -2.84
N LEU A 147 -11.36 12.89 -3.41
CA LEU A 147 -12.16 11.66 -3.39
C LEU A 147 -12.02 11.08 -4.80
N VAL A 148 -11.44 9.89 -4.88
CA VAL A 148 -11.20 9.23 -6.18
C VAL A 148 -12.22 8.14 -6.21
N LYS A 149 -13.27 8.34 -7.02
CA LYS A 149 -14.43 7.48 -7.03
C LYS A 149 -14.68 6.80 -8.36
N ASP A 150 -15.30 5.61 -8.31
CA ASP A 150 -15.81 4.83 -9.45
C ASP A 150 -14.80 4.35 -10.48
N TYR A 151 -13.73 3.70 -10.02
CA TYR A 151 -12.76 3.19 -10.97
C TYR A 151 -12.71 1.66 -10.92
N PHE A 152 -12.12 1.08 -11.96
CA PHE A 152 -11.91 -0.36 -12.06
C PHE A 152 -10.78 -0.67 -13.02
N PRO A 153 -9.84 -1.56 -12.65
CA PRO A 153 -9.65 -2.21 -11.34
C PRO A 153 -8.64 -1.38 -10.54
N GLU A 154 -7.99 -2.01 -9.56
CA GLU A 154 -6.94 -1.38 -8.80
C GLU A 154 -5.59 -1.49 -9.58
N PRO A 155 -4.58 -0.62 -9.33
CA PRO A 155 -4.50 0.43 -8.31
C PRO A 155 -4.62 1.87 -8.79
N VAL A 156 -4.91 2.76 -7.84
CA VAL A 156 -4.86 4.21 -7.99
C VAL A 156 -3.76 4.65 -7.03
N THR A 157 -2.82 5.50 -7.52
CA THR A 157 -1.80 6.13 -6.69
C THR A 157 -2.08 7.65 -6.64
N VAL A 158 -1.79 8.24 -5.49
CA VAL A 158 -2.04 9.66 -5.28
C VAL A 158 -0.81 10.31 -4.69
N SER A 159 -0.48 11.48 -5.23
CA SER A 159 0.57 12.34 -4.71
C SER A 159 -0.02 13.75 -4.63
N TRP A 160 0.64 14.62 -3.88
CA TRP A 160 0.21 16.00 -3.69
C TRP A 160 1.32 16.92 -4.15
N ASN A 161 0.99 17.82 -5.10
CA ASN A 161 1.93 18.83 -5.66
C ASN A 161 3.18 18.18 -6.26
N SER A 162 2.96 17.12 -7.08
CA SER A 162 3.96 16.32 -7.78
C SER A 162 5.00 15.65 -6.87
N GLY A 163 4.60 15.35 -5.64
CA GLY A 163 5.48 14.72 -4.65
C GLY A 163 6.14 15.67 -3.67
N ALA A 164 5.87 16.99 -3.83
CA ALA A 164 6.48 18.02 -2.97
C ALA A 164 5.80 18.16 -1.61
N LEU A 165 4.56 17.66 -1.51
CA LEU A 165 3.77 17.67 -0.28
C LEU A 165 3.57 16.23 0.15
N THR A 166 4.15 15.86 1.31
CA THR A 166 4.09 14.50 1.86
C THR A 166 3.77 14.48 3.35
N SER A 167 4.20 15.52 4.10
CA SER A 167 3.92 15.62 5.54
C SER A 167 2.42 15.79 5.76
N GLY A 168 1.85 14.89 6.54
CA GLY A 168 0.42 14.90 6.85
C GLY A 168 -0.47 14.31 5.80
N VAL A 169 0.13 13.72 4.73
CA VAL A 169 -0.62 13.08 3.64
C VAL A 169 -1.06 11.68 4.06
N HIS A 170 -2.35 11.38 3.87
CA HIS A 170 -2.90 10.03 4.09
C HIS A 170 -3.70 9.62 2.88
N THR A 171 -3.22 8.59 2.16
CA THR A 171 -3.95 8.04 1.03
C THR A 171 -4.55 6.77 1.59
N PHE A 172 -5.87 6.68 1.54
CA PHE A 172 -6.59 5.56 2.11
C PHE A 172 -6.65 4.36 1.20
N PRO A 173 -6.59 3.15 1.78
CA PRO A 173 -6.81 1.95 0.96
C PRO A 173 -8.19 2.06 0.32
N ALA A 174 -8.31 1.55 -0.91
CA ALA A 174 -9.55 1.54 -1.68
C ALA A 174 -10.62 0.71 -1.00
N VAL A 175 -11.87 1.07 -1.27
CA VAL A 175 -13.05 0.37 -0.80
C VAL A 175 -13.74 -0.15 -2.05
N LEU A 176 -14.44 -1.29 -1.93
CA LEU A 176 -15.15 -1.88 -3.05
C LEU A 176 -16.62 -1.54 -2.92
N GLN A 177 -17.16 -0.78 -3.89
CA GLN A 177 -18.56 -0.32 -3.91
C GLN A 177 -19.52 -1.47 -4.26
N SER A 178 -20.83 -1.24 -4.06
CA SER A 178 -21.90 -2.21 -4.38
C SER A 178 -22.00 -2.48 -5.90
N SER A 179 -21.38 -1.63 -6.74
CA SER A 179 -21.39 -1.76 -8.20
C SER A 179 -20.22 -2.63 -8.72
N GLY A 180 -19.23 -2.87 -7.86
CA GLY A 180 -18.04 -3.64 -8.22
C GLY A 180 -16.89 -2.73 -8.57
N LEU A 181 -17.13 -1.40 -8.53
CA LEU A 181 -16.11 -0.37 -8.79
C LEU A 181 -15.41 0.02 -7.48
N TYR A 182 -14.24 0.62 -7.58
CA TYR A 182 -13.47 1.04 -6.41
C TYR A 182 -13.53 2.52 -6.15
N SER A 183 -13.20 2.89 -4.91
CA SER A 183 -13.13 4.28 -4.48
C SER A 183 -12.10 4.41 -3.42
N LEU A 184 -11.38 5.54 -3.40
CA LEU A 184 -10.43 5.86 -2.34
C LEU A 184 -10.46 7.37 -2.10
N SER A 185 -9.79 7.80 -1.05
CA SER A 185 -9.66 9.21 -0.74
C SER A 185 -8.23 9.46 -0.36
N SER A 186 -7.78 10.71 -0.52
CA SER A 186 -6.44 11.12 -0.10
C SER A 186 -6.55 12.48 0.53
N VAL A 187 -6.06 12.58 1.77
CA VAL A 187 -6.15 13.80 2.56
C VAL A 187 -4.78 14.27 3.03
N VAL A 188 -4.68 15.58 3.33
CA VAL A 188 -3.49 16.24 3.85
C VAL A 188 -3.92 17.32 4.85
N THR A 189 -3.20 17.43 5.98
CA THR A 189 -3.41 18.48 6.96
C THR A 189 -2.35 19.55 6.68
N VAL A 190 -2.79 20.80 6.48
CA VAL A 190 -1.94 21.94 6.15
C VAL A 190 -2.22 23.12 7.09
N PRO A 191 -1.35 24.17 7.20
CA PRO A 191 -1.71 25.31 8.05
C PRO A 191 -2.95 26.01 7.51
N SER A 192 -3.86 26.43 8.38
CA SER A 192 -5.06 27.13 7.95
C SER A 192 -4.73 28.56 7.51
N SER A 193 -3.61 29.09 8.00
CA SER A 193 -3.16 30.44 7.71
C SER A 193 -2.67 30.65 6.27
N SER A 194 -2.28 29.56 5.59
CA SER A 194 -1.70 29.59 4.25
C SER A 194 -2.70 29.20 3.12
N LEU A 195 -4.01 29.12 3.43
CA LEU A 195 -5.02 28.76 2.43
C LEU A 195 -5.15 29.80 1.30
N GLY A 196 -4.75 31.03 1.58
CA GLY A 196 -4.80 32.14 0.62
C GLY A 196 -3.60 32.28 -0.29
N THR A 197 -2.50 31.50 -0.08
CA THR A 197 -1.30 31.63 -0.92
C THR A 197 -0.83 30.32 -1.57
N GLN A 198 -1.07 29.18 -0.91
CA GLN A 198 -0.68 27.88 -1.43
C GLN A 198 -1.73 27.30 -2.32
N THR A 199 -1.27 26.52 -3.31
CA THR A 199 -2.09 25.78 -4.25
C THR A 199 -1.86 24.31 -3.95
N TYR A 200 -2.94 23.58 -3.75
CA TYR A 200 -2.88 22.17 -3.44
C TYR A 200 -3.55 21.38 -4.54
N ILE A 201 -2.74 20.58 -5.22
CA ILE A 201 -3.17 19.76 -6.34
C ILE A 201 -2.96 18.30 -6.03
N CYS A 202 -4.02 17.48 -6.17
CA CYS A 202 -3.81 16.03 -5.99
C CYS A 202 -3.58 15.44 -7.37
N ASN A 203 -2.48 14.70 -7.48
CA ASN A 203 -2.06 14.06 -8.73
C ASN A 203 -2.51 12.61 -8.66
N VAL A 204 -3.57 12.31 -9.38
CA VAL A 204 -4.21 10.99 -9.40
C VAL A 204 -3.75 10.17 -10.58
N ASN A 205 -3.31 8.93 -10.31
CA ASN A 205 -2.86 8.01 -11.34
C ASN A 205 -3.59 6.68 -11.25
N HIS A 206 -4.59 6.46 -12.13
CA HIS A 206 -5.25 5.15 -12.20
C HIS A 206 -4.39 4.36 -13.16
N LYS A 207 -3.45 3.58 -12.59
CA LYS A 207 -2.44 2.80 -13.32
C LYS A 207 -3.00 1.90 -14.47
N PRO A 208 -4.09 1.12 -14.27
CA PRO A 208 -4.55 0.23 -15.34
C PRO A 208 -5.05 0.89 -16.62
N SER A 209 -5.58 2.12 -16.54
CA SER A 209 -6.06 2.88 -17.70
C SER A 209 -5.07 3.96 -18.06
N ASN A 210 -4.01 4.12 -17.23
CA ASN A 210 -2.98 5.15 -17.35
C ASN A 210 -3.55 6.60 -17.29
N THR A 211 -4.74 6.79 -16.63
CA THR A 211 -5.35 8.13 -16.51
C THR A 211 -4.62 8.95 -15.45
N LYS A 212 -4.03 10.09 -15.87
CA LYS A 212 -3.34 11.02 -14.98
C LYS A 212 -4.23 12.25 -14.78
N VAL A 213 -4.57 12.56 -13.52
CA VAL A 213 -5.47 13.66 -13.17
C VAL A 213 -4.83 14.56 -12.15
N ASP A 214 -4.70 15.86 -12.51
CA ASP A 214 -4.17 16.87 -11.61
C ASP A 214 -5.35 17.75 -11.22
N LYS A 215 -5.85 17.58 -10.01
CA LYS A 215 -7.02 18.32 -9.52
C LYS A 215 -6.65 19.31 -8.43
N LYS A 216 -6.93 20.60 -8.68
CA LYS A 216 -6.70 21.68 -7.74
C LYS A 216 -7.82 21.64 -6.70
N VAL A 217 -7.47 21.68 -5.42
CA VAL A 217 -8.42 21.66 -4.30
C VAL A 217 -8.45 23.11 -3.77
N GLU A 218 -9.45 23.91 -4.22
CA GLU A 218 -9.58 25.31 -3.85
C GLU A 218 -10.35 25.45 -2.53
N PRO A 219 -9.98 26.43 -1.67
CA PRO A 219 -10.70 26.59 -0.40
C PRO A 219 -12.15 26.98 -0.64
N LYS A 220 -13.03 26.55 0.27
CA LYS A 220 -14.46 26.87 0.20
C LYS A 220 -14.76 28.06 1.12
N SER A 221 -15.61 28.99 0.66
CA SER A 221 -15.99 30.17 1.43
C SER A 221 -17.24 29.86 2.29
N CYS A 222 -17.18 28.75 3.04
CA CYS A 222 -18.24 28.25 3.91
C CYS A 222 -17.68 27.81 5.29
N ASP B 1 9.10 -28.00 -1.33
CA ASP B 1 9.55 -26.65 -1.00
C ASP B 1 9.75 -26.47 0.50
N ILE B 2 10.69 -25.59 0.89
CA ILE B 2 10.99 -25.33 2.29
C ILE B 2 9.97 -24.31 2.79
N VAL B 3 9.19 -24.70 3.78
CA VAL B 3 8.16 -23.86 4.41
C VAL B 3 8.89 -22.99 5.44
N MET B 4 8.64 -21.67 5.37
CA MET B 4 9.25 -20.71 6.29
C MET B 4 8.16 -20.22 7.18
N THR B 5 8.22 -20.58 8.46
CA THR B 5 7.18 -20.22 9.43
C THR B 5 7.65 -19.15 10.39
N GLN B 6 6.94 -18.02 10.37
CA GLN B 6 7.24 -16.88 11.21
C GLN B 6 6.34 -16.83 12.42
N THR B 7 6.92 -16.50 13.60
CA THR B 7 6.16 -16.33 14.84
C THR B 7 6.62 -15.05 15.57
N PRO B 8 5.71 -14.19 16.07
CA PRO B 8 4.24 -14.26 15.92
C PRO B 8 3.79 -13.76 14.54
N LEU B 9 2.51 -13.91 14.19
CA LEU B 9 1.98 -13.40 12.92
C LEU B 9 1.84 -11.87 12.98
N SER B 10 1.57 -11.37 14.20
CA SER B 10 1.39 -9.97 14.50
C SER B 10 2.15 -9.65 15.79
N LEU B 11 3.06 -8.68 15.71
CA LEU B 11 3.84 -8.24 16.85
C LEU B 11 3.44 -6.82 17.21
N SER B 12 3.07 -6.62 18.47
CA SER B 12 2.73 -5.29 18.95
C SER B 12 3.65 -4.98 20.13
N VAL B 13 4.38 -3.87 20.03
CA VAL B 13 5.35 -3.44 21.06
C VAL B 13 5.14 -1.96 21.35
N THR B 14 5.41 -1.54 22.59
CA THR B 14 5.29 -0.14 22.99
C THR B 14 6.51 0.66 22.49
N PRO B 15 6.46 2.01 22.35
CA PRO B 15 7.66 2.73 21.89
C PRO B 15 8.78 2.60 22.92
N GLY B 16 10.00 2.50 22.45
CA GLY B 16 11.16 2.33 23.32
C GLY B 16 11.46 0.87 23.65
N GLN B 17 10.65 -0.08 23.09
CA GLN B 17 10.82 -1.51 23.32
C GLN B 17 11.57 -2.23 22.22
N PRO B 18 12.34 -3.30 22.54
CA PRO B 18 12.93 -4.11 21.46
C PRO B 18 11.84 -4.93 20.74
N ALA B 19 12.18 -5.50 19.58
CA ALA B 19 11.27 -6.38 18.85
C ALA B 19 12.05 -7.57 18.33
N SER B 20 11.50 -8.78 18.55
CA SER B 20 12.10 -10.02 18.04
C SER B 20 11.05 -10.78 17.25
N ILE B 21 11.49 -11.33 16.11
CA ILE B 21 10.65 -12.09 15.20
C ILE B 21 11.38 -13.38 14.88
N SER B 22 10.70 -14.50 15.11
CA SER B 22 11.26 -15.82 14.86
C SER B 22 10.90 -16.30 13.44
N CYS B 23 11.84 -17.00 12.79
CA CYS B 23 11.61 -17.60 11.48
C CYS B 23 12.10 -19.04 11.51
N ARG B 24 11.18 -20.00 11.36
CA ARG B 24 11.49 -21.43 11.37
C ARG B 24 11.43 -22.05 9.97
N SER B 25 12.50 -22.73 9.55
CA SER B 25 12.50 -23.43 8.27
C SER B 25 12.14 -24.91 8.53
N SER B 26 11.27 -25.50 7.68
CA SER B 26 10.81 -26.89 7.81
C SER B 26 11.89 -27.91 7.45
N GLN B 27 13.02 -27.42 6.90
CA GLN B 27 14.16 -28.21 6.46
C GLN B 27 15.43 -27.39 6.66
N SER B 28 16.61 -28.03 6.54
CA SER B 28 17.88 -27.35 6.66
C SER B 28 18.07 -26.46 5.44
N ILE B 29 18.65 -25.29 5.63
CA ILE B 29 18.88 -24.31 4.55
C ILE B 29 20.37 -23.97 4.37
N VAL B 30 21.18 -25.03 4.26
CA VAL B 30 22.61 -24.94 4.04
C VAL B 30 22.77 -25.11 2.54
N HIS B 31 23.23 -24.05 1.84
CA HIS B 31 23.49 -24.06 0.41
C HIS B 31 24.62 -25.07 0.16
N SER B 32 24.81 -25.52 -1.08
CA SER B 32 25.90 -26.45 -1.39
C SER B 32 27.29 -25.86 -1.08
N ASP B 33 27.44 -24.51 -1.12
CA ASP B 33 28.71 -23.85 -0.79
C ASP B 33 29.07 -23.83 0.73
N GLY B 34 28.12 -24.22 1.60
CA GLY B 34 28.29 -24.28 3.06
C GLY B 34 27.64 -23.14 3.85
N ASN B 35 27.22 -22.07 3.16
CA ASN B 35 26.59 -20.90 3.78
C ASN B 35 25.08 -21.05 3.87
N ILE B 36 24.44 -20.25 4.75
CA ILE B 36 22.99 -20.17 4.89
C ILE B 36 22.51 -18.84 4.29
N TYR B 37 21.73 -18.90 3.21
CA TYR B 37 21.23 -17.70 2.56
C TYR B 37 19.86 -17.33 3.10
N LEU B 38 19.86 -16.85 4.36
CA LEU B 38 18.69 -16.41 5.09
C LEU B 38 18.66 -14.86 5.12
N GLU B 39 17.59 -14.27 4.55
CA GLU B 39 17.39 -12.82 4.47
C GLU B 39 16.13 -12.34 5.17
N TRP B 40 16.12 -11.05 5.50
CA TRP B 40 15.03 -10.35 6.16
C TRP B 40 14.69 -9.13 5.34
N TYR B 41 13.40 -8.97 5.03
CA TYR B 41 12.86 -7.87 4.25
C TYR B 41 11.70 -7.19 5.00
N LEU B 42 11.61 -5.86 4.88
CA LEU B 42 10.53 -5.06 5.45
C LEU B 42 9.68 -4.52 4.29
N GLN B 43 8.38 -4.73 4.35
CA GLN B 43 7.49 -4.19 3.34
C GLN B 43 6.41 -3.30 3.96
N LYS B 44 6.30 -2.07 3.46
CA LYS B 44 5.26 -1.09 3.82
C LYS B 44 4.10 -1.26 2.79
N PRO B 45 2.82 -1.04 3.19
CA PRO B 45 1.73 -1.23 2.22
C PRO B 45 1.87 -0.38 0.98
N GLY B 46 1.71 -1.01 -0.19
CA GLY B 46 1.84 -0.35 -1.50
C GLY B 46 3.22 0.18 -1.78
N GLN B 47 4.25 -0.54 -1.30
CA GLN B 47 5.67 -0.26 -1.46
C GLN B 47 6.37 -1.60 -1.68
N SER B 48 7.48 -1.61 -2.41
CA SER B 48 8.21 -2.85 -2.67
C SER B 48 9.00 -3.26 -1.41
N PRO B 49 9.32 -4.56 -1.19
CA PRO B 49 10.09 -4.93 0.02
C PRO B 49 11.48 -4.30 0.04
N LYS B 50 11.99 -4.04 1.26
CA LYS B 50 13.31 -3.46 1.48
C LYS B 50 14.21 -4.40 2.25
N LEU B 51 15.42 -4.60 1.74
CA LEU B 51 16.42 -5.49 2.31
C LEU B 51 16.98 -4.96 3.65
N LEU B 52 16.97 -5.82 4.68
CA LEU B 52 17.45 -5.49 6.02
C LEU B 52 18.69 -6.28 6.38
N ILE B 53 18.56 -7.63 6.38
CA ILE B 53 19.59 -8.58 6.76
C ILE B 53 19.76 -9.62 5.68
N TYR B 54 21.00 -10.05 5.43
CA TYR B 54 21.35 -11.11 4.49
C TYR B 54 22.26 -12.13 5.18
N LYS B 55 22.26 -13.37 4.67
CA LYS B 55 23.06 -14.49 5.20
C LYS B 55 22.98 -14.62 6.71
N VAL B 56 21.74 -14.60 7.27
CA VAL B 56 21.46 -14.79 8.70
C VAL B 56 21.73 -13.55 9.59
N SER B 57 22.99 -13.12 9.66
CA SER B 57 23.44 -12.09 10.60
C SER B 57 24.09 -10.85 10.03
N TYR B 58 24.30 -10.76 8.70
CA TYR B 58 24.94 -9.54 8.18
C TYR B 58 23.93 -8.43 7.86
N ARG B 59 24.11 -7.26 8.48
CA ARG B 59 23.23 -6.11 8.29
C ARG B 59 23.53 -5.48 6.95
N PHE B 60 22.49 -5.27 6.13
CA PHE B 60 22.69 -4.65 4.83
C PHE B 60 23.10 -3.17 4.99
N SER B 61 23.85 -2.66 4.01
CA SER B 61 24.33 -1.28 3.91
C SER B 61 23.18 -0.26 3.96
N GLY B 62 23.31 0.75 4.82
CA GLY B 62 22.32 1.79 4.94
C GLY B 62 21.18 1.46 5.88
N VAL B 63 21.16 0.21 6.40
CA VAL B 63 20.13 -0.26 7.33
C VAL B 63 20.49 0.27 8.72
N PRO B 64 19.52 0.84 9.49
CA PRO B 64 19.87 1.37 10.82
C PRO B 64 20.48 0.35 11.77
N ASP B 65 21.42 0.82 12.60
CA ASP B 65 22.17 0.09 13.62
C ASP B 65 21.33 -0.84 14.49
N ARG B 66 20.11 -0.42 14.85
CA ARG B 66 19.15 -1.15 15.69
C ARG B 66 18.74 -2.54 15.18
N PHE B 67 18.80 -2.76 13.87
CA PHE B 67 18.46 -4.02 13.21
C PHE B 67 19.62 -4.97 13.28
N SER B 68 19.35 -6.22 13.65
CA SER B 68 20.34 -7.29 13.62
C SER B 68 19.61 -8.61 13.44
N GLY B 69 20.33 -9.63 13.01
CA GLY B 69 19.80 -10.97 12.80
C GLY B 69 20.71 -12.04 13.33
N SER B 70 20.16 -13.20 13.63
CA SER B 70 20.89 -14.35 14.14
C SER B 70 20.09 -15.61 13.82
N GLY B 71 20.62 -16.75 14.24
CA GLY B 71 20.00 -18.05 14.03
C GLY B 71 21.01 -19.13 13.70
N SER B 72 20.61 -20.38 13.90
CA SER B 72 21.45 -21.56 13.65
C SER B 72 20.55 -22.66 13.12
N GLY B 73 21.12 -23.56 12.32
CA GLY B 73 20.39 -24.68 11.74
C GLY B 73 19.14 -24.25 11.00
N THR B 74 17.96 -24.49 11.60
CA THR B 74 16.65 -24.13 11.02
C THR B 74 15.94 -22.98 11.78
N ASP B 75 16.54 -22.49 12.88
CA ASP B 75 15.95 -21.46 13.76
C ASP B 75 16.60 -20.10 13.51
N PHE B 76 15.79 -19.08 13.15
CA PHE B 76 16.30 -17.73 12.82
C PHE B 76 15.54 -16.59 13.51
N THR B 77 16.27 -15.54 13.93
CA THR B 77 15.63 -14.43 14.63
C THR B 77 16.00 -13.05 14.06
N LEU B 78 14.99 -12.17 13.90
CA LEU B 78 15.24 -10.79 13.48
C LEU B 78 15.09 -9.94 14.73
N LYS B 79 16.09 -9.11 15.03
CA LYS B 79 16.07 -8.28 16.22
C LYS B 79 16.07 -6.76 15.92
N ILE B 80 15.24 -6.00 16.65
CA ILE B 80 15.21 -4.53 16.65
C ILE B 80 15.51 -4.15 18.10
N SER B 81 16.60 -3.40 18.36
CA SER B 81 17.04 -3.06 19.74
C SER B 81 16.11 -2.10 20.45
N ARG B 82 15.49 -1.19 19.69
CA ARG B 82 14.55 -0.18 20.14
C ARG B 82 13.73 0.20 18.92
N VAL B 83 12.44 -0.11 18.90
CA VAL B 83 11.56 0.19 17.76
C VAL B 83 11.36 1.68 17.51
N GLU B 84 11.41 2.08 16.24
CA GLU B 84 11.18 3.47 15.84
C GLU B 84 9.91 3.48 15.01
N ALA B 85 9.21 4.64 14.95
CA ALA B 85 7.97 4.78 14.19
C ALA B 85 8.11 4.30 12.75
N GLU B 86 9.28 4.56 12.12
CA GLU B 86 9.63 4.14 10.76
C GLU B 86 9.74 2.60 10.61
N ASP B 87 9.74 1.84 11.72
CA ASP B 87 9.84 0.38 11.73
C ASP B 87 8.55 -0.40 11.42
N VAL B 88 7.39 0.26 11.43
CA VAL B 88 6.12 -0.42 11.14
C VAL B 88 6.02 -0.91 9.69
N GLY B 89 5.41 -2.07 9.53
CA GLY B 89 5.21 -2.75 8.26
C GLY B 89 5.16 -4.25 8.49
N VAL B 90 5.42 -5.01 7.42
CA VAL B 90 5.43 -6.47 7.51
C VAL B 90 6.86 -6.95 7.25
N TYR B 91 7.39 -7.71 8.19
CA TYR B 91 8.72 -8.30 8.10
C TYR B 91 8.61 -9.71 7.57
N TYR B 92 9.39 -10.02 6.51
CA TYR B 92 9.42 -11.32 5.87
C TYR B 92 10.78 -11.98 5.98
N CYS B 93 10.83 -13.25 6.38
CA CYS B 93 12.11 -13.95 6.30
C CYS B 93 12.15 -14.64 4.92
N PHE B 94 13.34 -14.97 4.42
CA PHE B 94 13.50 -15.57 3.08
C PHE B 94 14.74 -16.44 2.98
N GLN B 95 14.58 -17.65 2.41
CA GLN B 95 15.72 -18.55 2.17
C GLN B 95 16.06 -18.61 0.70
N ALA B 96 17.37 -18.51 0.37
CA ALA B 96 17.84 -18.63 -1.00
C ALA B 96 18.95 -19.68 -1.10
N SER B 97 18.93 -20.65 -0.17
CA SER B 97 19.87 -21.75 -0.07
C SER B 97 19.48 -22.89 -1.02
N HIS B 98 18.17 -23.18 -1.14
CA HIS B 98 17.65 -24.25 -2.00
C HIS B 98 16.55 -23.74 -2.91
N VAL B 99 16.59 -24.23 -4.16
CA VAL B 99 15.58 -23.90 -5.17
C VAL B 99 14.36 -24.82 -4.95
N PRO B 100 13.12 -24.29 -4.93
CA PRO B 100 12.75 -22.88 -5.12
C PRO B 100 12.94 -22.04 -3.86
N TYR B 101 13.38 -20.77 -4.03
CA TYR B 101 13.55 -19.87 -2.91
C TYR B 101 12.16 -19.56 -2.37
N THR B 102 12.05 -19.40 -1.05
CA THR B 102 10.76 -19.21 -0.39
C THR B 102 10.83 -18.16 0.71
N PHE B 103 9.74 -17.43 0.87
CA PHE B 103 9.57 -16.38 1.88
C PHE B 103 8.69 -16.91 3.03
N GLY B 104 8.79 -16.26 4.20
CA GLY B 104 7.90 -16.53 5.32
C GLY B 104 6.53 -15.93 5.04
N GLN B 105 5.53 -16.18 5.91
CA GLN B 105 4.19 -15.60 5.68
C GLN B 105 4.10 -14.12 6.11
N GLY B 106 5.16 -13.64 6.77
CA GLY B 106 5.27 -12.26 7.24
C GLY B 106 4.77 -12.00 8.64
N THR B 107 5.41 -11.02 9.32
CA THR B 107 5.04 -10.58 10.65
C THR B 107 4.77 -9.09 10.62
N LYS B 108 3.56 -8.69 11.00
CA LYS B 108 3.14 -7.31 11.05
C LYS B 108 3.61 -6.70 12.38
N LEU B 109 4.42 -5.63 12.31
CA LEU B 109 4.89 -4.92 13.49
C LEU B 109 3.98 -3.71 13.74
N GLU B 110 3.48 -3.59 14.97
CA GLU B 110 2.63 -2.47 15.39
C GLU B 110 3.25 -1.78 16.60
N ILE B 111 3.28 -0.43 16.58
CA ILE B 111 3.77 0.34 17.73
C ILE B 111 2.55 0.63 18.63
N LYS B 112 2.61 0.17 19.90
CA LYS B 112 1.55 0.44 20.88
C LYS B 112 1.86 1.77 21.58
N ARG B 113 1.63 2.85 20.85
CA ARG B 113 1.88 4.22 21.33
C ARG B 113 0.79 4.70 22.30
N THR B 114 1.00 5.88 22.91
CA THR B 114 0.03 6.46 23.85
C THR B 114 -1.29 6.75 23.14
N VAL B 115 -2.42 6.51 23.82
CA VAL B 115 -3.75 6.79 23.29
C VAL B 115 -3.80 8.21 22.72
N ALA B 116 -4.30 8.36 21.47
CA ALA B 116 -4.45 9.68 20.83
C ALA B 116 -5.85 9.79 20.29
N ALA B 117 -6.57 10.84 20.68
CA ALA B 117 -7.92 11.04 20.20
C ALA B 117 -7.90 11.53 18.74
N PRO B 118 -8.86 11.13 17.87
CA PRO B 118 -8.84 11.69 16.50
C PRO B 118 -9.28 13.15 16.41
N SER B 119 -8.77 13.87 15.41
CA SER B 119 -9.24 15.21 15.04
C SER B 119 -10.29 14.86 13.97
N VAL B 120 -11.49 15.44 14.06
CA VAL B 120 -12.59 15.12 13.15
C VAL B 120 -12.87 16.27 12.21
N PHE B 121 -12.95 15.93 10.92
CA PHE B 121 -13.20 16.86 9.84
C PHE B 121 -14.32 16.31 9.00
N ILE B 122 -15.14 17.20 8.45
CA ILE B 122 -16.25 16.79 7.58
C ILE B 122 -16.20 17.61 6.30
N PHE B 123 -16.55 16.98 5.18
CA PHE B 123 -16.56 17.61 3.87
C PHE B 123 -17.90 17.39 3.22
N PRO B 124 -18.70 18.46 3.00
CA PRO B 124 -19.96 18.31 2.26
C PRO B 124 -19.66 17.91 0.81
N PRO B 125 -20.62 17.41 -0.01
CA PRO B 125 -20.26 17.11 -1.42
C PRO B 125 -19.80 18.38 -2.13
N SER B 126 -18.77 18.26 -3.00
CA SER B 126 -18.27 19.41 -3.77
C SER B 126 -19.34 19.92 -4.75
N ASP B 127 -19.27 21.20 -5.18
CA ASP B 127 -20.22 21.78 -6.14
C ASP B 127 -20.20 21.00 -7.46
N GLU B 128 -19.01 20.49 -7.84
CA GLU B 128 -18.77 19.66 -9.02
C GLU B 128 -19.58 18.38 -9.03
N GLN B 129 -19.52 17.59 -7.94
CA GLN B 129 -20.23 16.32 -7.83
C GLN B 129 -21.75 16.48 -7.89
N LEU B 130 -22.25 17.54 -7.27
CA LEU B 130 -23.69 17.83 -7.19
C LEU B 130 -24.34 17.99 -8.59
N LYS B 131 -23.55 18.50 -9.57
CA LYS B 131 -23.98 18.64 -10.97
C LYS B 131 -24.17 17.27 -11.65
N SER B 132 -23.57 16.18 -11.09
CA SER B 132 -23.64 14.84 -11.64
C SER B 132 -24.84 14.00 -11.20
N GLY B 133 -25.55 14.47 -10.18
CA GLY B 133 -26.73 13.79 -9.64
C GLY B 133 -26.44 12.89 -8.46
N THR B 134 -25.19 12.93 -7.97
CA THR B 134 -24.74 12.13 -6.83
C THR B 134 -24.11 13.08 -5.81
N ALA B 135 -24.22 12.73 -4.52
CA ALA B 135 -23.65 13.53 -3.46
C ALA B 135 -22.94 12.63 -2.44
N SER B 136 -21.63 12.87 -2.25
CA SER B 136 -20.82 12.10 -1.30
C SER B 136 -20.40 13.00 -0.16
N VAL B 137 -20.66 12.58 1.07
CA VAL B 137 -20.25 13.32 2.26
C VAL B 137 -19.09 12.52 2.84
N VAL B 138 -17.95 13.18 3.16
CA VAL B 138 -16.77 12.54 3.72
C VAL B 138 -16.51 13.02 5.16
N CYS B 139 -16.20 12.08 6.05
CA CYS B 139 -15.85 12.33 7.45
C CYS B 139 -14.45 11.79 7.65
N LEU B 140 -13.54 12.64 8.13
CA LEU B 140 -12.15 12.24 8.32
C LEU B 140 -11.77 12.25 9.80
N LEU B 141 -11.24 11.13 10.27
CA LEU B 141 -10.73 10.93 11.63
C LEU B 141 -9.21 10.88 11.45
N ASN B 142 -8.51 11.90 11.93
CA ASN B 142 -7.08 11.98 11.72
C ASN B 142 -6.21 11.79 12.94
N ASN B 143 -5.08 11.09 12.74
CA ASN B 143 -4.03 10.83 13.72
C ASN B 143 -4.49 10.35 15.08
N PHE B 144 -5.18 9.20 15.12
CA PHE B 144 -5.65 8.63 16.37
C PHE B 144 -4.94 7.32 16.69
N TYR B 145 -5.05 6.87 17.95
CA TYR B 145 -4.52 5.59 18.41
C TYR B 145 -5.28 5.11 19.67
N PRO B 146 -5.72 3.82 19.75
CA PRO B 146 -5.60 2.72 18.76
C PRO B 146 -6.52 2.80 17.54
N ARG B 147 -6.43 1.83 16.60
CA ARG B 147 -7.16 1.83 15.31
C ARG B 147 -8.68 1.72 15.41
N GLU B 148 -9.19 1.16 16.52
CA GLU B 148 -10.63 0.97 16.78
C GLU B 148 -11.30 2.32 17.01
N ALA B 149 -11.90 2.86 15.98
CA ALA B 149 -12.62 4.13 16.03
C ALA B 149 -13.92 3.90 15.28
N LYS B 150 -15.06 4.25 15.92
CA LYS B 150 -16.37 4.02 15.33
C LYS B 150 -16.98 5.30 14.80
N VAL B 151 -17.54 5.21 13.59
CA VAL B 151 -18.19 6.34 12.91
C VAL B 151 -19.66 5.98 12.76
N GLN B 152 -20.55 6.91 13.14
CA GLN B 152 -21.99 6.74 13.01
C GLN B 152 -22.55 7.94 12.25
N TRP B 153 -23.04 7.71 11.01
CA TRP B 153 -23.63 8.74 10.17
C TRP B 153 -25.05 9.01 10.59
N LYS B 154 -25.41 10.27 10.74
CA LYS B 154 -26.75 10.65 11.17
C LYS B 154 -27.29 11.64 10.20
N VAL B 155 -28.54 11.46 9.79
CA VAL B 155 -29.21 12.43 8.93
C VAL B 155 -30.42 12.91 9.71
N ASP B 156 -30.37 14.15 10.22
CA ASP B 156 -31.39 14.73 11.12
C ASP B 156 -31.58 13.81 12.35
N ASN B 157 -30.44 13.38 12.93
CA ASN B 157 -30.32 12.46 14.07
C ASN B 157 -30.81 11.00 13.83
N ALA B 158 -31.31 10.71 12.62
CA ALA B 158 -31.72 9.35 12.29
C ALA B 158 -30.45 8.59 11.88
N LEU B 159 -30.10 7.53 12.66
CA LEU B 159 -28.90 6.73 12.39
C LEU B 159 -29.01 6.05 11.03
N GLN B 160 -28.05 6.36 10.15
CA GLN B 160 -27.96 5.84 8.80
C GLN B 160 -27.49 4.39 8.76
N SER B 161 -27.90 3.67 7.71
CA SER B 161 -27.48 2.30 7.48
C SER B 161 -27.53 2.00 6.00
N GLY B 162 -26.51 1.27 5.53
CA GLY B 162 -26.40 0.74 4.18
C GLY B 162 -25.89 1.60 3.04
N ASN B 163 -25.45 2.84 3.28
CA ASN B 163 -24.97 3.66 2.16
C ASN B 163 -23.61 4.31 2.36
N SER B 164 -22.81 3.76 3.27
CA SER B 164 -21.47 4.30 3.55
C SER B 164 -20.37 3.23 3.44
N GLN B 165 -19.14 3.71 3.18
CA GLN B 165 -17.91 2.92 3.08
C GLN B 165 -16.84 3.64 3.88
N GLU B 166 -15.98 2.88 4.55
CA GLU B 166 -14.88 3.43 5.31
C GLU B 166 -13.62 2.64 5.10
N SER B 167 -12.48 3.31 5.31
CA SER B 167 -11.16 2.73 5.18
C SER B 167 -10.22 3.36 6.19
N VAL B 168 -9.36 2.52 6.81
CA VAL B 168 -8.35 2.93 7.77
C VAL B 168 -6.97 2.78 7.11
N THR B 169 -6.07 3.71 7.42
CA THR B 169 -4.71 3.66 6.90
C THR B 169 -3.92 2.57 7.64
N GLU B 170 -2.71 2.29 7.13
CA GLU B 170 -1.72 1.43 7.77
C GLU B 170 -1.19 2.30 8.93
N GLN B 171 -0.47 1.74 9.89
CA GLN B 171 0.04 2.61 10.95
C GLN B 171 1.04 3.64 10.35
N ASP B 172 0.92 4.92 10.73
CA ASP B 172 1.74 6.04 10.25
C ASP B 172 3.20 5.83 10.67
N SER B 173 4.15 6.00 9.76
CA SER B 173 5.56 5.75 10.08
C SER B 173 6.32 6.91 10.69
N LYS B 174 5.62 8.02 11.01
CA LYS B 174 6.21 9.19 11.67
C LYS B 174 5.73 9.28 13.11
N ASP B 175 4.39 9.21 13.35
CA ASP B 175 3.79 9.35 14.69
C ASP B 175 3.02 8.13 15.24
N SER B 176 3.10 6.99 14.56
CA SER B 176 2.46 5.73 14.96
C SER B 176 0.92 5.76 15.13
N THR B 177 0.25 6.66 14.40
CA THR B 177 -1.20 6.78 14.48
C THR B 177 -1.88 6.15 13.28
N TYR B 178 -3.22 6.17 13.31
CA TYR B 178 -4.07 5.73 12.24
C TYR B 178 -4.98 6.88 11.88
N SER B 179 -5.51 6.86 10.67
CA SER B 179 -6.47 7.81 10.15
C SER B 179 -7.58 7.00 9.47
N LEU B 180 -8.83 7.48 9.50
CA LEU B 180 -9.95 6.77 8.93
C LEU B 180 -10.78 7.70 8.07
N SER B 181 -11.08 7.25 6.86
CA SER B 181 -11.92 8.01 5.94
C SER B 181 -13.23 7.25 5.79
N SER B 182 -14.35 7.95 5.97
CA SER B 182 -15.69 7.38 5.83
C SER B 182 -16.49 8.20 4.84
N THR B 183 -17.09 7.53 3.86
CA THR B 183 -17.85 8.21 2.81
C THR B 183 -19.32 7.79 2.79
N LEU B 184 -20.21 8.76 2.96
CA LEU B 184 -21.65 8.53 2.86
C LEU B 184 -22.08 9.02 1.46
N THR B 185 -22.56 8.10 0.63
CA THR B 185 -22.99 8.42 -0.74
C THR B 185 -24.49 8.19 -0.92
N LEU B 186 -25.16 9.21 -1.43
CA LEU B 186 -26.60 9.19 -1.70
C LEU B 186 -26.83 9.82 -3.06
N SER B 187 -27.95 9.49 -3.72
CA SER B 187 -28.34 10.16 -4.97
C SER B 187 -28.66 11.61 -4.59
N LYS B 188 -28.61 12.56 -5.57
CA LYS B 188 -28.88 13.99 -5.30
C LYS B 188 -30.28 14.14 -4.70
N ALA B 189 -31.28 13.42 -5.26
CA ALA B 189 -32.66 13.41 -4.79
C ALA B 189 -32.75 12.99 -3.30
N ASP B 190 -31.98 11.95 -2.88
CA ASP B 190 -31.94 11.47 -1.50
C ASP B 190 -31.17 12.42 -0.61
N TYR B 191 -30.13 13.08 -1.17
CA TYR B 191 -29.32 14.05 -0.44
C TYR B 191 -30.17 15.26 -0.03
N GLU B 192 -30.95 15.76 -1.00
CA GLU B 192 -31.85 16.89 -0.86
C GLU B 192 -33.11 16.63 0.02
N LYS B 193 -33.19 15.45 0.67
CA LYS B 193 -34.31 15.08 1.54
C LYS B 193 -34.04 15.44 3.00
N HIS B 194 -32.74 15.52 3.36
CA HIS B 194 -32.28 15.78 4.72
C HIS B 194 -31.55 17.11 4.86
N LYS B 195 -31.43 17.61 6.09
CA LYS B 195 -30.77 18.88 6.37
C LYS B 195 -29.47 18.73 7.18
N VAL B 196 -29.54 18.07 8.35
CA VAL B 196 -28.37 17.91 9.23
C VAL B 196 -27.59 16.64 8.96
N TYR B 197 -26.41 16.79 8.34
CA TYR B 197 -25.52 15.67 8.02
C TYR B 197 -24.42 15.65 9.04
N ALA B 198 -24.32 14.55 9.80
CA ALA B 198 -23.39 14.44 10.91
C ALA B 198 -22.69 13.11 11.03
N CYS B 199 -21.42 13.14 11.43
CA CYS B 199 -20.69 11.92 11.73
C CYS B 199 -20.29 11.97 13.20
N GLU B 200 -20.75 10.97 13.94
CA GLU B 200 -20.49 10.83 15.38
C GLU B 200 -19.33 9.86 15.52
N VAL B 201 -18.28 10.30 16.19
CA VAL B 201 -17.05 9.57 16.36
C VAL B 201 -16.85 9.12 17.79
N THR B 202 -16.70 7.81 17.99
CA THR B 202 -16.43 7.19 19.28
C THR B 202 -15.04 6.56 19.23
N HIS B 203 -14.24 6.81 20.28
CA HIS B 203 -12.86 6.32 20.38
C HIS B 203 -12.38 6.30 21.84
N GLN B 204 -11.41 5.41 22.16
CA GLN B 204 -10.77 5.24 23.46
C GLN B 204 -10.23 6.54 24.04
N GLY B 205 -9.68 7.41 23.18
CA GLY B 205 -9.12 8.71 23.56
C GLY B 205 -10.13 9.84 23.70
N LEU B 206 -11.41 9.59 23.36
CA LEU B 206 -12.49 10.58 23.47
C LEU B 206 -13.39 10.19 24.64
N SER B 207 -13.44 11.05 25.68
CA SER B 207 -14.27 10.87 26.88
C SER B 207 -15.74 10.78 26.53
N SER B 208 -16.15 11.56 25.54
CA SER B 208 -17.51 11.53 25.00
C SER B 208 -17.40 11.67 23.48
N PRO B 209 -18.35 11.12 22.69
CA PRO B 209 -18.22 11.18 21.22
C PRO B 209 -18.15 12.58 20.60
N VAL B 210 -17.42 12.70 19.48
CA VAL B 210 -17.28 13.95 18.73
C VAL B 210 -18.21 13.91 17.52
N THR B 211 -19.03 14.95 17.36
CA THR B 211 -19.97 15.06 16.26
C THR B 211 -19.62 16.23 15.37
N LYS B 212 -19.25 15.97 14.13
CA LYS B 212 -18.96 17.04 13.18
C LYS B 212 -20.15 17.05 12.24
N SER B 213 -20.70 18.25 11.95
CA SER B 213 -21.87 18.34 11.08
C SER B 213 -21.97 19.62 10.28
N PHE B 214 -22.86 19.63 9.30
CA PHE B 214 -23.19 20.81 8.52
C PHE B 214 -24.67 20.74 8.16
N ASN B 215 -25.24 21.87 7.74
CA ASN B 215 -26.60 21.97 7.25
C ASN B 215 -26.48 22.02 5.73
N ARG B 216 -27.16 21.11 5.01
CA ARG B 216 -27.13 21.06 3.55
C ARG B 216 -27.61 22.41 3.00
N GLY B 217 -26.82 22.97 2.08
CA GLY B 217 -27.13 24.26 1.47
C GLY B 217 -26.52 25.47 2.15
N GLU B 218 -26.01 25.32 3.39
CA GLU B 218 -25.43 26.43 4.15
C GLU B 218 -24.03 26.82 3.65
N3 4CC C . 22.97 -17.15 -9.14
C4 4CC C . 25.41 -17.82 -9.25
C5 4CC C . 25.81 -15.03 -9.36
C7 4CC C . 22.40 -15.87 -9.13
C8 4CC C . 22.37 -18.42 -8.70
C10 4CC C . 26.89 -15.91 -9.47
C17 4CC C . 27.87 -14.16 -11.58
C20 4CC C . 20.36 -13.03 -6.36
C21 4CC C . 27.37 -12.86 -11.57
C24 4CC C . 19.78 -15.30 -4.88
C26 4CC C . 26.57 -12.47 -12.64
C28 4CC C . 30.91 -13.47 -12.87
C1 4CC C . 24.34 -16.95 -9.23
C2 4CC C . 24.52 -15.56 -9.28
N6 4CC C . 23.30 -14.91 -9.26
C9 4CC C . 26.69 -17.29 -9.35
C11 4CC C . 20.93 -15.58 -9.06
C12 4CC C . 28.30 -15.40 -9.48
N13 4CC C . 20.76 -14.36 -8.32
N14 4CC C . 28.71 -14.61 -10.52
O15 4CC C . 29.03 -15.70 -8.56
C16 4CC C . 20.44 -14.28 -6.95
C18 4CC C . 30.11 -14.14 -10.57
C19 4CC C . 20.13 -15.42 -6.21
N22 4CC C . 27.61 -15.04 -12.55
C23 4CC C . 30.93 -14.54 -11.79
C25 4CC C . 20.02 -12.92 -5.01
C27 4CC C . 26.83 -14.62 -13.57
C29 4CC C . 19.71 -14.05 -4.27
C30 4CC C . 26.30 -13.35 -13.65
O31 4CC C . 31.55 -12.42 -12.68
O32 4CC C . 30.23 -13.71 -13.90
C33 4CC C . 19.32 -13.92 -2.85
N34 4CC C . 18.31 -13.15 -2.53
N35 4CC C . 20.02 -14.53 -1.93
C1 GOL D . -1.93 -8.69 -3.92
O1 GOL D . -1.48 -8.68 -2.57
C2 GOL D . -3.14 -7.82 -4.10
O2 GOL D . -2.76 -6.45 -4.13
C3 GOL D . -3.87 -8.17 -5.39
O3 GOL D . -4.99 -7.33 -5.59
C1 GOL E . 0.39 -12.21 7.43
O1 GOL E . 0.83 -12.83 8.64
C2 GOL E . 0.50 -10.71 7.51
O2 GOL E . 1.82 -10.36 7.92
C3 GOL E . 0.18 -10.04 6.20
O3 GOL E . 1.03 -10.51 5.15
#